data_1DTS
#
_entry.id   1DTS
#
_cell.length_a   73.200
_cell.length_b   49.200
_cell.length_c   61.800
_cell.angle_alpha   90.00
_cell.angle_beta   107.10
_cell.angle_gamma   90.00
#
_symmetry.space_group_name_H-M   'C 1 2 1'
#
loop_
_entity.id
_entity.type
_entity.pdbx_description
1 polymer 'DETHIOBIOTIN SYNTHETASE'
2 water water
#
_entity_poly.entity_id   1
_entity_poly.type   'polypeptide(L)'
_entity_poly.pdbx_seq_one_letter_code
;MSKRYFVTGTDTEVGKTVASCALLQAAKAAGYRTAGYKPVASGSEKTPEGLRNSDALALQRNSSLQLDYATVNPYTFAEP
TSPHIISAQEGRPIESLVMSAGLRALEQQADWVLVEGAGGWFTPLSDTFTFADWVTQEQLPVILVVGVKLGCINHAMLTA
QVIQHAGLTLAGWVANDVTPPGKRHAEYMTTLTRMIPAPLLGEIPWLAEAATGKYINLALL
;
_entity_poly.pdbx_strand_id   A
#
# COMPACT_ATOMS: atom_id res chain seq x y z
N SER A 2 -7.94 -1.14 -16.30
CA SER A 2 -7.01 -1.95 -15.54
C SER A 2 -7.71 -2.41 -14.26
N LYS A 3 -7.21 -3.49 -13.64
CA LYS A 3 -7.61 -3.86 -12.28
C LYS A 3 -6.81 -2.86 -11.44
N ARG A 4 -7.38 -2.40 -10.35
CA ARG A 4 -6.72 -1.42 -9.50
C ARG A 4 -6.98 -1.87 -8.07
N TYR A 5 -5.98 -1.71 -7.20
CA TYR A 5 -6.09 -2.04 -5.79
C TYR A 5 -5.36 -1.02 -4.96
N PHE A 6 -5.90 -0.65 -3.81
CA PHE A 6 -5.21 0.19 -2.86
C PHE A 6 -4.66 -0.71 -1.73
N VAL A 7 -3.41 -0.50 -1.29
CA VAL A 7 -2.82 -1.28 -0.21
C VAL A 7 -2.68 -0.40 1.00
N THR A 8 -3.13 -0.86 2.18
CA THR A 8 -2.96 -0.09 3.39
C THR A 8 -2.50 -1.08 4.46
N GLY A 9 -1.75 -0.59 5.47
CA GLY A 9 -1.28 -1.46 6.52
C GLY A 9 -2.08 -1.25 7.78
N THR A 10 -2.00 -2.15 8.75
CA THR A 10 -2.70 -1.97 10.02
C THR A 10 -1.94 -1.10 11.02
N ASP A 11 -0.62 -1.12 10.88
CA ASP A 11 0.26 -0.32 11.67
C ASP A 11 1.52 -0.06 10.86
N THR A 12 2.31 0.89 11.33
CA THR A 12 3.50 1.38 10.65
C THR A 12 4.57 0.31 10.39
N GLU A 13 4.72 -0.61 11.33
CA GLU A 13 5.78 -1.60 11.24
C GLU A 13 5.30 -2.87 10.57
N VAL A 14 4.31 -2.92 9.72
CA VAL A 14 3.79 -4.18 9.20
C VAL A 14 4.45 -4.64 7.95
N GLY A 15 5.47 -3.94 7.40
CA GLY A 15 6.14 -4.28 6.13
C GLY A 15 5.26 -4.12 4.89
N LYS A 16 4.44 -3.06 4.84
CA LYS A 16 3.49 -2.80 3.76
C LYS A 16 4.10 -2.87 2.38
N THR A 17 5.29 -2.30 2.13
CA THR A 17 5.87 -2.38 0.80
C THR A 17 6.45 -3.76 0.50
N VAL A 18 6.76 -4.58 1.53
CA VAL A 18 7.20 -5.96 1.34
C VAL A 18 6.01 -6.65 0.71
N ALA A 19 4.82 -6.46 1.28
CA ALA A 19 3.62 -7.02 0.69
C ALA A 19 3.32 -6.39 -0.67
N SER A 20 3.56 -5.09 -0.91
CA SER A 20 3.33 -4.51 -2.22
C SER A 20 4.24 -5.07 -3.33
N CYS A 21 5.51 -5.37 -3.01
CA CYS A 21 6.44 -5.98 -3.98
C CYS A 21 6.02 -7.41 -4.22
N ALA A 22 5.51 -8.11 -3.20
CA ALA A 22 5.05 -9.48 -3.38
C ALA A 22 3.86 -9.51 -4.31
N LEU A 23 2.94 -8.53 -4.14
CA LEU A 23 1.75 -8.45 -4.95
C LEU A 23 2.08 -8.13 -6.41
N LEU A 24 3.00 -7.19 -6.63
CA LEU A 24 3.41 -6.84 -7.98
C LEU A 24 4.13 -7.94 -8.70
N GLN A 25 4.96 -8.69 -7.96
CA GLN A 25 5.67 -9.85 -8.47
C GLN A 25 4.70 -10.94 -8.88
N ALA A 26 3.71 -11.21 -8.04
CA ALA A 26 2.73 -12.22 -8.40
C ALA A 26 1.92 -11.75 -9.62
N ALA A 27 1.55 -10.45 -9.72
CA ALA A 27 0.77 -9.97 -10.86
C ALA A 27 1.58 -10.10 -12.17
N LYS A 28 2.90 -9.88 -12.10
CA LYS A 28 3.79 -9.96 -13.25
C LYS A 28 3.87 -11.41 -13.68
N ALA A 29 4.05 -12.33 -12.74
CA ALA A 29 4.09 -13.74 -13.06
C ALA A 29 2.79 -14.22 -13.70
N ALA A 30 1.66 -13.60 -13.38
CA ALA A 30 0.42 -13.94 -14.02
C ALA A 30 0.32 -13.33 -15.41
N GLY A 31 1.25 -12.55 -15.92
CA GLY A 31 1.15 -12.00 -17.26
C GLY A 31 0.49 -10.62 -17.37
N TYR A 32 0.37 -9.89 -16.25
CA TYR A 32 -0.16 -8.53 -16.26
C TYR A 32 0.95 -7.53 -16.49
N ARG A 33 0.63 -6.47 -17.25
CA ARG A 33 1.49 -5.29 -17.40
C ARG A 33 1.15 -4.50 -16.14
N THR A 34 2.12 -4.45 -15.24
CA THR A 34 1.94 -3.86 -13.92
C THR A 34 2.64 -2.53 -13.67
N ALA A 35 2.04 -1.80 -12.74
CA ALA A 35 2.56 -0.52 -12.36
C ALA A 35 2.22 -0.34 -10.90
N GLY A 36 3.21 0.12 -10.19
CA GLY A 36 3.08 0.59 -8.81
C GLY A 36 2.81 2.11 -8.83
N TYR A 37 2.03 2.61 -7.88
CA TYR A 37 1.71 4.02 -7.82
C TYR A 37 1.65 4.41 -6.34
N LYS A 38 2.50 5.34 -5.93
CA LYS A 38 2.46 5.87 -4.58
C LYS A 38 2.38 7.37 -4.76
N PRO A 39 1.18 7.95 -4.90
CA PRO A 39 1.01 9.36 -5.15
C PRO A 39 1.71 10.31 -4.19
N VAL A 40 1.70 9.97 -2.89
CA VAL A 40 2.24 10.83 -1.86
C VAL A 40 3.25 9.99 -1.06
N ALA A 41 4.47 10.50 -0.89
CA ALA A 41 5.50 9.85 -0.10
C ALA A 41 6.27 10.93 0.69
N SER A 42 6.55 10.74 1.97
CA SER A 42 7.35 11.67 2.75
C SER A 42 8.42 10.80 3.38
N GLY A 43 9.58 11.36 3.68
CA GLY A 43 10.66 10.54 4.17
C GLY A 43 11.46 10.16 2.94
N SER A 44 12.20 11.12 2.39
CA SER A 44 12.93 10.88 1.16
C SER A 44 14.40 11.27 1.21
N GLU A 45 15.23 10.59 0.43
CA GLU A 45 16.67 10.87 0.30
C GLU A 45 16.95 11.82 -0.87
N LYS A 46 17.91 12.71 -0.75
CA LYS A 46 18.25 13.62 -1.84
C LYS A 46 19.12 12.91 -2.88
N THR A 47 18.99 13.15 -4.19
CA THR A 47 19.89 12.54 -5.16
C THR A 47 20.17 13.62 -6.20
N PRO A 48 21.00 13.43 -7.27
CA PRO A 48 21.15 14.40 -8.35
C PRO A 48 19.86 14.59 -9.11
N GLU A 49 18.98 13.61 -9.13
CA GLU A 49 17.74 13.77 -9.87
C GLU A 49 16.60 14.40 -9.05
N GLY A 50 16.68 14.30 -7.74
CA GLY A 50 15.72 14.91 -6.85
C GLY A 50 15.53 13.94 -5.70
N LEU A 51 14.44 14.15 -4.97
CA LEU A 51 14.06 13.30 -3.83
C LEU A 51 13.42 12.01 -4.32
N ARG A 52 13.93 10.93 -3.74
CA ARG A 52 13.48 9.58 -4.04
C ARG A 52 13.20 8.98 -2.67
N ASN A 53 12.05 8.38 -2.61
CA ASN A 53 11.61 7.70 -1.42
C ASN A 53 11.82 6.22 -1.74
N SER A 54 12.32 5.45 -0.79
CA SER A 54 12.65 4.08 -0.99
C SER A 54 11.45 3.18 -1.26
N ASP A 55 10.28 3.43 -0.65
CA ASP A 55 9.08 2.64 -0.94
C ASP A 55 8.65 2.84 -2.38
N ALA A 56 8.65 4.09 -2.87
CA ALA A 56 8.28 4.28 -4.29
C ALA A 56 9.33 3.68 -5.25
N LEU A 57 10.64 3.76 -4.89
CA LEU A 57 11.70 3.09 -5.66
C LEU A 57 11.45 1.58 -5.77
N ALA A 58 11.05 0.97 -4.66
CA ALA A 58 10.72 -0.42 -4.65
C ALA A 58 9.52 -0.68 -5.55
N LEU A 59 8.48 0.17 -5.62
CA LEU A 59 7.32 -0.05 -6.47
C LEU A 59 7.74 0.05 -7.94
N GLN A 60 8.59 1.05 -8.20
CA GLN A 60 9.13 1.29 -9.53
C GLN A 60 9.91 0.08 -10.01
N ARG A 61 10.86 -0.44 -9.25
CA ARG A 61 11.66 -1.56 -9.72
C ARG A 61 10.85 -2.84 -9.82
N ASN A 62 9.72 -2.91 -9.10
CA ASN A 62 8.92 -4.10 -9.12
C ASN A 62 7.85 -4.05 -10.16
N SER A 63 7.67 -2.97 -10.90
CA SER A 63 6.70 -2.85 -11.98
C SER A 63 7.26 -3.51 -13.24
N SER A 64 6.42 -4.15 -14.04
CA SER A 64 6.87 -4.87 -15.19
C SER A 64 7.20 -3.83 -16.24
N LEU A 65 6.42 -2.75 -16.32
CA LEU A 65 6.72 -1.60 -17.17
C LEU A 65 7.88 -0.74 -16.64
N GLN A 66 8.63 -0.29 -17.59
CA GLN A 66 9.65 0.71 -17.39
C GLN A 66 9.00 2.08 -17.08
N LEU A 67 8.99 2.61 -15.87
CA LEU A 67 8.31 3.85 -15.57
C LEU A 67 9.28 4.88 -14.99
N ASP A 68 9.06 6.19 -15.26
CA ASP A 68 9.88 7.22 -14.68
C ASP A 68 9.42 7.36 -13.24
N TYR A 69 10.34 7.90 -12.46
CA TYR A 69 10.09 8.00 -11.04
C TYR A 69 8.84 8.86 -10.75
N ALA A 70 8.72 10.03 -11.39
CA ALA A 70 7.63 10.93 -11.09
C ALA A 70 6.28 10.35 -11.46
N THR A 71 6.29 9.36 -12.34
CA THR A 71 5.06 8.72 -12.74
C THR A 71 4.57 7.85 -11.58
N VAL A 72 5.51 7.20 -10.89
CA VAL A 72 5.21 6.33 -9.75
C VAL A 72 4.89 7.19 -8.53
N ASN A 73 5.60 8.30 -8.37
CA ASN A 73 5.44 9.10 -7.18
C ASN A 73 5.46 10.60 -7.47
N PRO A 74 4.33 11.19 -7.86
CA PRO A 74 4.21 12.62 -8.12
C PRO A 74 4.64 13.50 -6.96
N TYR A 75 4.31 13.18 -5.71
CA TYR A 75 4.56 14.07 -4.59
C TYR A 75 5.55 13.45 -3.64
N THR A 76 6.75 14.02 -3.55
CA THR A 76 7.80 13.48 -2.74
C THR A 76 8.25 14.53 -1.75
N PHE A 77 8.23 14.20 -0.46
CA PHE A 77 8.65 15.12 0.62
C PHE A 77 9.77 14.43 1.40
N ALA A 78 10.70 15.27 1.85
CA ALA A 78 11.92 14.75 2.47
C ALA A 78 11.67 14.34 3.90
N GLU A 79 11.05 15.19 4.73
CA GLU A 79 10.80 14.84 6.12
C GLU A 79 9.74 13.73 6.31
N PRO A 80 10.02 12.71 7.16
CA PRO A 80 9.09 11.63 7.42
C PRO A 80 7.96 12.03 8.34
N THR A 81 7.09 12.96 8.00
CA THR A 81 6.02 13.30 8.92
C THR A 81 4.72 13.23 8.12
N SER A 82 3.58 13.59 8.69
CA SER A 82 2.32 13.54 7.99
C SER A 82 2.35 14.49 6.76
N PRO A 83 1.80 14.08 5.60
CA PRO A 83 1.83 14.84 4.36
C PRO A 83 1.18 16.19 4.55
N HIS A 84 0.08 16.31 5.32
CA HIS A 84 -0.54 17.63 5.48
C HIS A 84 0.38 18.65 6.20
N ILE A 85 1.31 18.17 7.04
CA ILE A 85 2.23 19.02 7.76
C ILE A 85 3.30 19.50 6.81
N ILE A 86 4.00 18.58 6.17
CA ILE A 86 5.08 19.00 5.29
C ILE A 86 4.58 19.71 3.99
N SER A 87 3.42 19.39 3.44
CA SER A 87 2.81 20.08 2.33
C SER A 87 2.56 21.55 2.68
N ALA A 88 2.04 21.80 3.91
CA ALA A 88 1.73 23.12 4.37
C ALA A 88 3.05 23.80 4.67
N GLN A 89 4.05 23.15 5.24
CA GLN A 89 5.31 23.81 5.47
C GLN A 89 6.03 24.21 4.17
N GLU A 90 6.05 23.33 3.16
CA GLU A 90 6.72 23.57 1.91
C GLU A 90 5.93 24.43 0.93
N GLY A 91 4.65 24.70 1.14
CA GLY A 91 3.89 25.49 0.21
C GLY A 91 3.52 24.70 -1.04
N ARG A 92 3.36 23.38 -0.95
CA ARG A 92 2.99 22.62 -2.13
C ARG A 92 1.72 21.83 -1.80
N PRO A 93 0.53 22.31 -2.20
CA PRO A 93 -0.74 21.59 -2.01
C PRO A 93 -0.74 20.21 -2.67
N ILE A 94 -1.31 19.23 -1.96
CA ILE A 94 -1.48 17.93 -2.54
C ILE A 94 -2.87 17.98 -3.13
N GLU A 95 -2.86 17.91 -4.45
CA GLU A 95 -4.05 18.06 -5.25
C GLU A 95 -4.70 16.73 -5.60
N SER A 96 -5.97 16.53 -5.24
CA SER A 96 -6.73 15.33 -5.58
C SER A 96 -6.76 15.06 -7.10
N LEU A 97 -6.94 16.09 -7.93
CA LEU A 97 -6.97 15.92 -9.38
C LEU A 97 -5.63 15.43 -9.92
N VAL A 98 -4.46 15.83 -9.36
CA VAL A 98 -3.15 15.37 -9.81
C VAL A 98 -2.93 13.91 -9.42
N MET A 99 -3.38 13.56 -8.19
CA MET A 99 -3.34 12.19 -7.72
C MET A 99 -4.20 11.36 -8.69
N SER A 100 -5.41 11.80 -9.04
CA SER A 100 -6.25 11.04 -9.97
C SER A 100 -5.74 10.97 -11.41
N ALA A 101 -5.15 12.07 -11.89
CA ALA A 101 -4.55 12.12 -13.24
C ALA A 101 -3.39 11.13 -13.33
N GLY A 102 -2.60 11.05 -12.24
CA GLY A 102 -1.45 10.17 -12.24
C GLY A 102 -1.91 8.71 -12.33
N LEU A 103 -3.03 8.36 -11.67
CA LEU A 103 -3.56 7.01 -11.77
C LEU A 103 -4.05 6.75 -13.21
N ARG A 104 -4.80 7.68 -13.83
CA ARG A 104 -5.25 7.53 -15.22
C ARG A 104 -4.07 7.30 -16.19
N ALA A 105 -2.98 8.05 -16.02
CA ALA A 105 -1.83 7.97 -16.90
C ALA A 105 -1.26 6.55 -16.81
N LEU A 106 -1.22 5.98 -15.60
CA LEU A 106 -0.80 4.60 -15.44
C LEU A 106 -1.77 3.61 -16.04
N GLU A 107 -3.08 3.89 -16.02
CA GLU A 107 -4.07 3.01 -16.64
C GLU A 107 -4.00 2.99 -18.16
N GLN A 108 -3.40 3.96 -18.82
CA GLN A 108 -3.29 3.83 -20.24
C GLN A 108 -2.10 3.03 -20.68
N GLN A 109 -1.31 2.53 -19.74
CA GLN A 109 -0.13 1.74 -20.04
C GLN A 109 -0.18 0.36 -19.37
N ALA A 110 -0.71 0.29 -18.16
CA ALA A 110 -0.67 -0.91 -17.37
C ALA A 110 -2.05 -1.46 -17.21
N ASP A 111 -2.21 -2.77 -17.11
CA ASP A 111 -3.54 -3.26 -16.85
C ASP A 111 -3.71 -3.79 -15.43
N TRP A 112 -2.69 -3.70 -14.59
CA TRP A 112 -2.84 -4.08 -13.19
C TRP A 112 -1.99 -3.05 -12.43
N VAL A 113 -2.72 -2.21 -11.70
CA VAL A 113 -2.10 -1.13 -10.94
C VAL A 113 -2.30 -1.28 -9.41
N LEU A 114 -1.22 -1.13 -8.67
CA LEU A 114 -1.25 -1.23 -7.24
C LEU A 114 -1.03 0.17 -6.72
N VAL A 115 -1.90 0.69 -5.84
CA VAL A 115 -1.74 2.01 -5.27
C VAL A 115 -1.42 1.88 -3.78
N GLU A 116 -0.40 2.58 -3.35
CA GLU A 116 0.05 2.54 -1.98
C GLU A 116 -0.18 3.93 -1.38
N GLY A 117 -0.71 3.99 -0.16
CA GLY A 117 -0.92 5.28 0.49
C GLY A 117 0.37 5.78 1.12
N ALA A 118 0.25 6.76 2.01
CA ALA A 118 1.39 7.41 2.62
C ALA A 118 1.36 7.27 4.14
N GLY A 119 0.75 6.27 4.73
CA GLY A 119 0.71 6.18 6.18
C GLY A 119 -0.52 5.34 6.46
N GLY A 120 -1.27 5.46 7.56
CA GLY A 120 -2.43 4.60 7.76
C GLY A 120 -3.65 5.07 6.97
N TRP A 121 -4.81 4.48 7.20
CA TRP A 121 -6.02 4.79 6.49
C TRP A 121 -6.37 6.24 6.53
N PHE A 122 -6.38 6.84 7.71
CA PHE A 122 -6.74 8.23 7.87
C PHE A 122 -5.58 9.21 7.75
N THR A 123 -4.60 9.04 6.88
CA THR A 123 -3.52 10.02 6.72
C THR A 123 -4.06 11.36 6.12
N PRO A 124 -4.04 12.46 6.88
CA PRO A 124 -4.40 13.77 6.38
C PRO A 124 -3.45 14.22 5.27
N LEU A 125 -4.09 14.72 4.19
CA LEU A 125 -3.38 15.32 3.06
C LEU A 125 -3.57 16.82 3.13
N SER A 126 -4.67 17.36 3.64
CA SER A 126 -4.78 18.81 3.91
C SER A 126 -5.58 18.90 5.21
N ASP A 127 -6.01 20.06 5.65
CA ASP A 127 -6.85 20.10 6.84
C ASP A 127 -8.26 19.60 6.62
N THR A 128 -8.71 19.50 5.34
CA THR A 128 -10.05 19.07 5.09
C THR A 128 -10.08 17.80 4.24
N PHE A 129 -8.96 17.18 3.91
CA PHE A 129 -8.95 16.09 2.96
C PHE A 129 -7.95 15.04 3.43
N THR A 130 -8.40 13.80 3.57
CA THR A 130 -7.57 12.70 3.99
C THR A 130 -7.40 11.74 2.80
N PHE A 131 -6.41 10.85 2.91
CA PHE A 131 -6.18 9.82 1.91
C PHE A 131 -7.44 8.95 1.73
N ALA A 132 -8.12 8.57 2.82
CA ALA A 132 -9.38 7.86 2.77
C ALA A 132 -10.39 8.57 1.86
N ASP A 133 -10.51 9.92 1.87
CA ASP A 133 -11.45 10.58 0.97
C ASP A 133 -11.09 10.31 -0.49
N TRP A 134 -9.79 10.33 -0.87
CA TRP A 134 -9.44 10.08 -2.26
C TRP A 134 -9.75 8.63 -2.67
N VAL A 135 -9.40 7.64 -1.85
CA VAL A 135 -9.64 6.24 -2.11
C VAL A 135 -11.13 6.02 -2.27
N THR A 136 -11.98 6.54 -1.38
CA THR A 136 -13.44 6.49 -1.52
C THR A 136 -13.94 7.12 -2.83
N GLN A 137 -13.34 8.24 -3.21
CA GLN A 137 -13.68 8.93 -4.42
C GLN A 137 -13.32 8.06 -5.62
N GLU A 138 -12.13 7.46 -5.63
CA GLU A 138 -11.70 6.59 -6.72
C GLU A 138 -12.35 5.21 -6.67
N GLN A 139 -13.07 4.87 -5.59
CA GLN A 139 -13.75 3.59 -5.45
C GLN A 139 -12.80 2.39 -5.59
N LEU A 140 -11.61 2.53 -5.06
CA LEU A 140 -10.59 1.49 -5.12
C LEU A 140 -10.92 0.34 -4.17
N PRO A 141 -10.88 -0.94 -4.58
CA PRO A 141 -10.84 -2.08 -3.68
C PRO A 141 -9.58 -1.98 -2.80
N VAL A 142 -9.74 -2.35 -1.52
CA VAL A 142 -8.66 -2.29 -0.54
C VAL A 142 -8.11 -3.64 -0.14
N ILE A 143 -6.79 -3.74 -0.03
CA ILE A 143 -6.08 -4.92 0.48
C ILE A 143 -5.34 -4.47 1.76
N LEU A 144 -5.63 -5.20 2.82
CA LEU A 144 -5.08 -4.89 4.11
C LEU A 144 -3.78 -5.67 4.36
N VAL A 145 -2.68 -5.06 4.80
CA VAL A 145 -1.48 -5.80 5.18
C VAL A 145 -1.37 -5.76 6.71
N VAL A 146 -1.25 -6.93 7.34
CA VAL A 146 -1.33 -7.06 8.81
C VAL A 146 -0.08 -7.78 9.31
N GLY A 147 0.62 -7.27 10.30
CA GLY A 147 1.76 -7.92 10.91
C GLY A 147 1.21 -8.95 11.86
N VAL A 148 1.77 -10.15 11.89
CA VAL A 148 1.25 -11.20 12.77
C VAL A 148 1.81 -10.97 14.19
N LYS A 149 1.10 -10.16 14.94
CA LYS A 149 1.48 -9.71 16.27
C LYS A 149 0.18 -9.45 17.01
N LEU A 150 0.26 -9.53 18.34
CA LEU A 150 -0.87 -9.32 19.23
C LEU A 150 -1.58 -7.99 18.99
N GLY A 151 -0.94 -6.83 18.94
CA GLY A 151 -1.68 -5.59 18.80
C GLY A 151 -2.48 -5.46 17.50
N CYS A 152 -2.05 -6.22 16.48
CA CYS A 152 -2.65 -6.04 15.18
C CYS A 152 -4.00 -6.72 15.08
N ILE A 153 -4.37 -7.57 16.04
CA ILE A 153 -5.71 -8.13 16.02
C ILE A 153 -6.65 -6.92 16.16
N ASN A 154 -6.41 -6.07 17.15
CA ASN A 154 -7.26 -4.89 17.32
C ASN A 154 -7.13 -3.93 16.11
N HIS A 155 -5.92 -3.63 15.69
CA HIS A 155 -5.74 -2.73 14.54
C HIS A 155 -6.41 -3.19 13.23
N ALA A 156 -6.33 -4.50 12.92
CA ALA A 156 -6.92 -5.02 11.71
C ALA A 156 -8.43 -4.90 11.77
N MET A 157 -8.99 -5.19 12.93
CA MET A 157 -10.43 -5.12 13.09
C MET A 157 -10.94 -3.70 12.98
N LEU A 158 -10.25 -2.73 13.59
CA LEU A 158 -10.58 -1.33 13.46
C LEU A 158 -10.60 -0.88 11.99
N THR A 159 -9.49 -1.17 11.28
CA THR A 159 -9.33 -0.71 9.90
C THR A 159 -10.37 -1.32 9.03
N ALA A 160 -10.57 -2.63 9.16
CA ALA A 160 -11.57 -3.35 8.39
C ALA A 160 -12.98 -2.75 8.57
N GLN A 161 -13.33 -2.36 9.81
CA GLN A 161 -14.68 -1.88 10.08
C GLN A 161 -14.92 -0.56 9.41
N VAL A 162 -13.92 0.31 9.50
CA VAL A 162 -13.96 1.65 8.94
C VAL A 162 -14.00 1.59 7.41
N ILE A 163 -13.27 0.73 6.74
CA ILE A 163 -13.31 0.62 5.29
C ILE A 163 -14.70 0.21 4.87
N GLN A 164 -15.26 -0.81 5.53
CA GLN A 164 -16.59 -1.30 5.20
C GLN A 164 -17.64 -0.22 5.42
N HIS A 165 -17.51 0.53 6.51
CA HIS A 165 -18.37 1.66 6.76
C HIS A 165 -18.29 2.72 5.67
N ALA A 166 -17.17 2.90 4.98
CA ALA A 166 -17.05 3.86 3.88
C ALA A 166 -17.74 3.26 2.63
N GLY A 167 -18.30 2.05 2.68
CA GLY A 167 -18.90 1.39 1.56
C GLY A 167 -17.87 0.94 0.54
N LEU A 168 -16.61 0.73 0.92
CA LEU A 168 -15.60 0.25 0.01
C LEU A 168 -15.51 -1.27 0.13
N THR A 169 -14.93 -1.90 -0.87
CA THR A 169 -14.71 -3.33 -0.82
C THR A 169 -13.34 -3.64 -0.23
N LEU A 170 -13.38 -4.52 0.75
CA LEU A 170 -12.15 -5.08 1.31
C LEU A 170 -11.86 -6.31 0.44
N ALA A 171 -10.97 -6.16 -0.53
CA ALA A 171 -10.59 -7.23 -1.43
C ALA A 171 -9.82 -8.37 -0.78
N GLY A 172 -9.10 -8.21 0.32
CA GLY A 172 -8.35 -9.31 0.86
C GLY A 172 -7.33 -8.78 1.82
N TRP A 173 -6.60 -9.67 2.45
CA TRP A 173 -5.53 -9.26 3.34
C TRP A 173 -4.29 -10.13 3.19
N VAL A 174 -3.15 -9.58 3.58
CA VAL A 174 -1.89 -10.26 3.50
C VAL A 174 -1.30 -10.29 4.91
N ALA A 175 -0.88 -11.47 5.39
CA ALA A 175 -0.24 -11.60 6.70
C ALA A 175 1.26 -11.42 6.47
N ASN A 176 1.92 -10.58 7.23
CA ASN A 176 3.34 -10.39 7.11
C ASN A 176 3.99 -10.77 8.43
N ASP A 177 4.98 -11.65 8.41
CA ASP A 177 5.61 -12.12 9.61
C ASP A 177 6.76 -11.22 9.91
N VAL A 178 6.46 -10.30 10.81
CA VAL A 178 7.41 -9.24 11.11
C VAL A 178 8.40 -9.62 12.21
N THR A 179 8.19 -10.70 12.93
CA THR A 179 9.17 -11.12 13.94
C THR A 179 9.58 -12.56 13.65
N PRO A 180 10.70 -13.12 14.19
CA PRO A 180 10.94 -14.55 14.24
C PRO A 180 9.70 -15.29 14.80
N PRO A 181 9.55 -16.57 14.45
CA PRO A 181 8.48 -17.42 14.96
C PRO A 181 8.35 -17.26 16.48
N GLY A 182 7.13 -17.01 16.92
CA GLY A 182 6.84 -16.85 18.33
C GLY A 182 5.76 -17.85 18.75
N LYS A 183 5.57 -17.86 20.08
CA LYS A 183 4.71 -18.82 20.73
C LYS A 183 3.28 -18.81 20.21
N ARG A 184 2.62 -17.68 19.95
CA ARG A 184 1.22 -17.79 19.61
C ARG A 184 0.90 -17.51 18.16
N HIS A 185 1.87 -17.78 17.28
CA HIS A 185 1.73 -17.47 15.87
C HIS A 185 0.47 -18.08 15.27
N ALA A 186 0.21 -19.38 15.46
CA ALA A 186 -0.95 -20.05 14.89
C ALA A 186 -2.27 -19.50 15.40
N GLU A 187 -2.38 -19.26 16.71
CA GLU A 187 -3.63 -18.75 17.30
C GLU A 187 -3.88 -17.34 16.78
N TYR A 188 -2.80 -16.55 16.59
CA TYR A 188 -2.97 -15.21 16.03
C TYR A 188 -3.45 -15.26 14.59
N MET A 189 -2.89 -16.17 13.79
CA MET A 189 -3.33 -16.34 12.43
C MET A 189 -4.76 -16.77 12.40
N THR A 190 -5.20 -17.72 13.27
CA THR A 190 -6.60 -18.12 13.34
C THR A 190 -7.57 -16.98 13.67
N THR A 191 -7.25 -16.21 14.73
CA THR A 191 -8.09 -15.10 15.16
C THR A 191 -8.23 -14.10 14.00
N LEU A 192 -7.13 -13.73 13.34
CA LEU A 192 -7.17 -12.78 12.23
C LEU A 192 -7.98 -13.34 11.08
N THR A 193 -7.80 -14.61 10.68
CA THR A 193 -8.62 -15.18 9.60
C THR A 193 -10.13 -15.18 9.91
N ARG A 194 -10.51 -15.44 11.17
CA ARG A 194 -11.88 -15.40 11.63
C ARG A 194 -12.44 -13.99 11.58
N MET A 195 -11.68 -13.03 12.04
CA MET A 195 -12.21 -11.68 12.14
C MET A 195 -12.16 -10.75 10.93
N ILE A 196 -11.27 -10.97 9.97
CA ILE A 196 -11.20 -10.04 8.86
C ILE A 196 -12.15 -10.57 7.81
N PRO A 197 -13.19 -9.84 7.41
CA PRO A 197 -14.19 -10.31 6.46
C PRO A 197 -13.69 -10.20 5.01
N ALA A 198 -12.58 -10.84 4.65
CA ALA A 198 -12.06 -10.78 3.28
C ALA A 198 -11.10 -11.97 3.14
N PRO A 199 -10.79 -12.54 1.97
CA PRO A 199 -9.88 -13.66 1.85
C PRO A 199 -8.43 -13.33 2.26
N LEU A 200 -7.78 -14.23 2.98
CA LEU A 200 -6.36 -14.12 3.25
C LEU A 200 -5.66 -14.46 1.92
N LEU A 201 -4.89 -13.54 1.34
CA LEU A 201 -4.20 -13.73 0.07
C LEU A 201 -2.86 -14.46 0.20
N GLY A 202 -2.21 -14.51 1.37
CA GLY A 202 -0.96 -15.20 1.53
C GLY A 202 -0.28 -14.65 2.75
N GLU A 203 0.78 -15.32 3.13
CA GLU A 203 1.57 -14.98 4.32
C GLU A 203 3.01 -14.91 3.91
N ILE A 204 3.67 -13.79 4.19
CA ILE A 204 5.05 -13.61 3.82
C ILE A 204 5.85 -13.96 5.08
N PRO A 205 6.77 -14.92 4.95
CA PRO A 205 7.63 -15.36 6.04
C PRO A 205 8.63 -14.29 6.49
N TRP A 206 9.16 -14.48 7.70
CA TRP A 206 10.09 -13.55 8.26
C TRP A 206 11.41 -13.73 7.51
N LEU A 207 11.87 -12.61 7.01
CA LEU A 207 13.13 -12.54 6.30
C LEU A 207 13.70 -11.24 6.92
N ALA A 208 15.03 -11.09 6.99
CA ALA A 208 15.63 -9.86 7.51
C ALA A 208 15.19 -8.61 6.73
N GLU A 209 14.74 -8.93 5.49
CA GLU A 209 14.22 -8.09 4.41
C GLU A 209 15.52 -7.69 3.67
N ALA A 210 13.53 -11.95 -1.32
CA ALA A 210 13.23 -10.82 -2.17
C ALA A 210 12.22 -11.36 -3.13
N ALA A 211 12.41 -12.55 -3.73
CA ALA A 211 11.38 -13.06 -4.62
C ALA A 211 10.29 -13.56 -3.70
N THR A 212 9.24 -12.76 -3.56
CA THR A 212 8.17 -13.05 -2.62
C THR A 212 6.84 -13.20 -3.33
N GLY A 213 6.77 -13.08 -4.67
CA GLY A 213 5.52 -13.26 -5.38
C GLY A 213 4.81 -14.61 -5.13
N LYS A 214 5.63 -15.65 -4.94
CA LYS A 214 5.20 -16.99 -4.67
C LYS A 214 4.31 -17.13 -3.45
N TYR A 215 4.37 -16.22 -2.49
CA TYR A 215 3.56 -16.36 -1.27
C TYR A 215 2.14 -15.84 -1.46
N ILE A 216 1.85 -15.18 -2.58
CA ILE A 216 0.55 -14.59 -2.86
C ILE A 216 -0.31 -15.40 -3.85
N ASN A 217 -1.53 -15.76 -3.45
CA ASN A 217 -2.44 -16.40 -4.36
C ASN A 217 -3.34 -15.34 -4.98
N LEU A 218 -2.96 -14.94 -6.18
CA LEU A 218 -3.64 -13.90 -6.91
C LEU A 218 -5.04 -14.28 -7.38
N ALA A 219 -5.31 -15.57 -7.49
CA ALA A 219 -6.62 -16.10 -7.81
C ALA A 219 -7.69 -15.75 -6.77
N LEU A 220 -7.34 -15.27 -5.59
CA LEU A 220 -8.34 -14.90 -4.61
C LEU A 220 -8.80 -13.44 -4.78
N LEU A 221 -8.10 -12.69 -5.60
CA LEU A 221 -8.50 -11.32 -5.80
C LEU A 221 -9.51 -11.28 -6.89
#